data_5JP2
#
_entry.id   5JP2
#
_cell.length_a   239.778
_cell.length_b   239.778
_cell.length_c   44.091
_cell.angle_alpha   90.00
_cell.angle_beta   90.00
_cell.angle_gamma   120.00
#
_symmetry.space_group_name_H-M   'H 3'
#
loop_
_entity.id
_entity.type
_entity.pdbx_description
1 polymer 'Epidermal growth factor receptor substrate 15'
2 polymer 'F-BAR domain only protein 1'
3 non-polymer 'ZINC ION'
4 water water
#
loop_
_entity_poly.entity_id
_entity_poly.type
_entity_poly.pdbx_seq_one_letter_code
_entity_poly.pdbx_strand_id
1 'polypeptide(L)' TNLDFFQSDPFVGSDPFKDDPFGGAGA E,F
2 'polypeptide(L)'
;GLSRGPSPISLSAQESWPVAAAITEYINAYFRGGEHNRCLVKITGDLTMSFPAGITRIFTANPNAPVLSFRLVNISRVDH
FLPNQKLLYSDPSQSDPDTKDFWFNMQALTLHLQREAELNPQASYYNVALLKYQASSQDPSRAPLLLSAECQRSGTVTRV
SLDYHCCPATAPATQLTSVQVLLPLDHSATDLQCQPPAAWNAEERRLLWKLANLSPTNHSKGSGTLCASWQCLEVPRGPA
PSLAVQFVGSGASLSGLDVELVGSRYRMSLVKKRFATGKYMAGCSL
;
A,B
#
# COMPACT_ATOMS: atom_id res chain seq x y z
N PHE A 6 14.25 -2.07 -23.85
CA PHE A 6 14.83 -2.79 -22.72
C PHE A 6 15.65 -3.99 -23.15
N GLN A 7 16.84 -3.72 -23.69
CA GLN A 7 17.74 -4.76 -24.14
C GLN A 7 18.48 -5.37 -22.96
N SER A 8 19.18 -6.47 -23.23
CA SER A 8 19.84 -7.22 -22.17
C SER A 8 21.04 -6.48 -21.59
N ASP A 9 21.60 -5.53 -22.35
CA ASP A 9 22.64 -4.69 -21.78
C ASP A 9 21.97 -3.49 -21.14
N PRO A 10 21.97 -3.41 -19.81
CA PRO A 10 21.25 -2.32 -19.16
C PRO A 10 21.88 -0.98 -19.38
N PHE A 11 23.16 -0.95 -19.75
CA PHE A 11 23.87 0.29 -20.01
C PHE A 11 23.85 0.64 -21.48
N VAL A 12 23.12 -0.15 -22.25
CA VAL A 12 22.68 0.17 -23.60
C VAL A 12 23.83 0.75 -24.41
N GLY A 13 24.94 0.03 -24.43
CA GLY A 13 26.07 0.48 -25.21
C GLY A 13 26.66 1.80 -24.79
N SER A 14 26.23 2.36 -23.65
CA SER A 14 26.73 3.63 -23.16
C SER A 14 27.59 3.37 -21.93
N ASP A 15 28.89 3.52 -22.07
CA ASP A 15 29.84 3.19 -21.04
C ASP A 15 29.58 3.99 -19.77
N PRO A 16 29.24 3.33 -18.66
CA PRO A 16 29.03 4.07 -17.41
C PRO A 16 30.30 4.62 -16.81
N PHE A 17 31.47 4.19 -17.27
CA PHE A 17 32.73 4.68 -16.73
C PHE A 17 33.37 5.75 -17.60
N LYS A 18 32.71 6.17 -18.70
CA LYS A 18 33.33 7.07 -19.68
C LYS A 18 33.89 8.34 -19.03
N ASP A 19 33.16 8.92 -18.09
CA ASP A 19 33.55 10.14 -17.43
C ASP A 19 34.22 9.92 -16.08
N ASP A 20 34.42 8.69 -15.67
CA ASP A 20 34.98 8.42 -14.36
C ASP A 20 36.50 8.67 -14.36
N PRO A 21 37.04 9.30 -13.32
CA PRO A 21 38.48 9.59 -13.28
C PRO A 21 39.39 8.39 -13.28
N PHE A 22 38.88 7.16 -13.20
N PHE A 22 38.88 7.17 -13.18
CA PHE A 22 39.72 5.98 -13.13
CA PHE A 22 39.74 5.99 -13.12
C PHE A 22 40.63 5.87 -14.35
C PHE A 22 40.68 5.96 -14.32
N GLY A 23 41.84 5.36 -14.11
CA GLY A 23 42.82 5.21 -15.18
C GLY A 23 43.41 6.48 -15.75
N LEU B 11 50.52 2.64 -10.30
CA LEU B 11 49.66 3.50 -9.49
C LEU B 11 48.24 3.00 -9.48
N SER B 12 47.79 2.47 -10.63
CA SER B 12 46.44 1.94 -10.72
C SER B 12 46.13 1.00 -9.57
N ALA B 13 47.15 0.30 -9.07
CA ALA B 13 46.96 -0.67 -8.01
C ALA B 13 46.34 -0.06 -6.75
N GLN B 14 46.77 1.14 -6.36
CA GLN B 14 46.32 1.68 -5.08
C GLN B 14 45.04 2.51 -5.16
N GLU B 15 44.60 2.93 -6.34
CA GLU B 15 43.42 3.77 -6.39
C GLU B 15 42.15 2.95 -6.24
N SER B 16 41.12 3.57 -5.65
CA SER B 16 39.83 2.92 -5.49
C SER B 16 39.20 2.63 -6.84
N TRP B 17 38.64 1.45 -6.99
N TRP B 17 38.65 1.44 -6.99
CA TRP B 17 38.22 1.02 -8.32
CA TRP B 17 38.24 1.07 -8.34
C TRP B 17 36.71 1.16 -8.49
C TRP B 17 36.72 1.15 -8.49
N PRO B 18 36.24 1.64 -9.63
CA PRO B 18 34.79 1.83 -9.81
C PRO B 18 34.09 0.61 -10.37
N VAL B 19 32.86 0.38 -9.88
CA VAL B 19 31.92 -0.53 -10.51
C VAL B 19 30.58 0.17 -10.62
N ALA B 20 29.70 -0.38 -11.46
CA ALA B 20 28.37 0.16 -11.64
C ALA B 20 27.33 -0.96 -11.55
N ALA B 21 26.14 -0.61 -11.07
CA ALA B 21 25.04 -1.54 -10.89
C ALA B 21 23.83 -1.11 -11.73
N ALA B 22 23.00 -2.08 -12.09
CA ALA B 22 21.75 -1.79 -12.80
C ALA B 22 20.65 -2.66 -12.21
N ILE B 23 19.56 -2.02 -11.82
CA ILE B 23 18.39 -2.67 -11.26
C ILE B 23 17.29 -2.53 -12.30
N THR B 24 16.81 -3.66 -12.82
CA THR B 24 15.80 -3.71 -13.87
C THR B 24 14.60 -4.49 -13.37
N GLU B 25 13.41 -3.92 -13.50
CA GLU B 25 12.22 -4.55 -12.96
C GLU B 25 11.09 -4.54 -13.96
N TYR B 26 10.41 -5.67 -14.11
CA TYR B 26 9.19 -5.78 -14.90
C TYR B 26 7.99 -6.04 -14.00
N ILE B 27 6.86 -5.46 -14.33
CA ILE B 27 5.68 -5.58 -13.50
C ILE B 27 4.51 -6.11 -14.31
N ASN B 28 3.90 -7.17 -13.82
CA ASN B 28 2.66 -7.71 -14.35
C ASN B 28 1.55 -7.40 -13.35
N ALA B 29 0.38 -7.03 -13.85
CA ALA B 29 -0.69 -6.70 -12.93
C ALA B 29 -2.02 -7.06 -13.58
N TYR B 30 -3.01 -7.33 -12.74
CA TYR B 30 -4.36 -7.59 -13.21
C TYR B 30 -5.36 -6.97 -12.26
N PHE B 31 -6.20 -6.10 -12.77
CA PHE B 31 -7.29 -5.52 -12.03
C PHE B 31 -8.57 -6.17 -12.52
N ARG B 32 -9.24 -6.90 -11.64
CA ARG B 32 -10.34 -7.76 -12.06
C ARG B 32 -11.57 -6.95 -12.47
N GLY B 33 -11.82 -5.83 -11.80
CA GLY B 33 -13.01 -5.08 -12.11
C GLY B 33 -14.19 -5.61 -11.30
N GLY B 34 -15.39 -5.40 -11.83
CA GLY B 34 -16.51 -5.85 -11.06
C GLY B 34 -16.67 -5.03 -9.79
N GLU B 35 -17.28 -5.66 -8.79
CA GLU B 35 -17.62 -4.97 -7.57
C GLU B 35 -16.39 -4.37 -6.91
N HIS B 36 -15.47 -5.24 -6.51
CA HIS B 36 -14.35 -4.84 -5.67
C HIS B 36 -13.10 -4.50 -6.45
N ASN B 37 -13.07 -4.76 -7.76
CA ASN B 37 -11.91 -4.50 -8.60
C ASN B 37 -10.64 -4.96 -7.92
N ARG B 38 -10.60 -6.25 -7.55
CA ARG B 38 -9.43 -6.79 -6.87
C ARG B 38 -8.26 -6.88 -7.84
N CYS B 39 -7.04 -6.82 -7.30
CA CYS B 39 -5.88 -6.84 -8.19
C CYS B 39 -4.80 -7.79 -7.71
N LEU B 40 -3.99 -8.21 -8.66
CA LEU B 40 -2.80 -9.01 -8.41
C LEU B 40 -1.60 -8.32 -9.05
N VAL B 41 -0.48 -8.28 -8.34
CA VAL B 41 0.75 -7.68 -8.85
C VAL B 41 1.91 -8.67 -8.72
N LYS B 42 2.70 -8.80 -9.78
CA LYS B 42 3.96 -9.54 -9.76
C LYS B 42 5.09 -8.71 -10.37
N ILE B 43 6.12 -8.45 -9.57
CA ILE B 43 7.31 -7.75 -10.03
C ILE B 43 8.46 -8.74 -10.15
N THR B 44 9.17 -8.69 -11.26
CA THR B 44 10.34 -9.51 -11.50
C THR B 44 11.55 -8.62 -11.75
N GLY B 45 12.62 -8.87 -11.02
CA GLY B 45 13.74 -7.97 -11.09
C GLY B 45 15.05 -8.67 -11.36
N ASP B 46 16.02 -7.88 -11.82
CA ASP B 46 17.36 -8.33 -12.15
C ASP B 46 18.38 -7.32 -11.66
N LEU B 47 19.42 -7.79 -11.00
CA LEU B 47 20.55 -6.95 -10.60
C LEU B 47 21.79 -7.33 -11.41
N THR B 48 22.28 -6.38 -12.18
CA THR B 48 23.49 -6.57 -12.97
C THR B 48 24.58 -5.64 -12.44
N MET B 49 25.83 -6.10 -12.49
CA MET B 49 26.95 -5.25 -12.14
C MET B 49 27.91 -5.17 -13.31
N SER B 50 28.43 -3.96 -13.55
CA SER B 50 29.32 -3.70 -14.66
C SER B 50 30.72 -3.39 -14.15
N PHE B 51 31.73 -3.81 -14.91
CA PHE B 51 33.12 -3.65 -14.56
C PHE B 51 33.89 -2.97 -15.69
N PRO B 52 34.76 -2.02 -15.37
CA PRO B 52 35.53 -1.36 -16.42
C PRO B 52 36.58 -2.30 -16.96
N ALA B 53 36.80 -2.24 -18.28
CA ALA B 53 37.66 -3.21 -18.93
C ALA B 53 39.03 -3.27 -18.26
N GLY B 54 39.54 -2.12 -17.81
CA GLY B 54 40.87 -2.13 -17.25
C GLY B 54 41.01 -2.85 -15.93
N ILE B 55 39.91 -3.24 -15.31
CA ILE B 55 40.01 -3.88 -14.01
C ILE B 55 40.43 -5.33 -14.14
N THR B 56 40.34 -5.89 -15.35
CA THR B 56 40.84 -7.23 -15.58
C THR B 56 42.33 -7.30 -15.31
N ARG B 57 43.10 -6.46 -16.01
CA ARG B 57 44.54 -6.45 -15.88
C ARG B 57 44.94 -6.33 -14.42
N ILE B 58 44.15 -5.63 -13.62
CA ILE B 58 44.42 -5.59 -12.19
C ILE B 58 44.17 -6.96 -11.58
N PHE B 59 43.04 -7.58 -11.94
CA PHE B 59 42.65 -8.82 -11.30
C PHE B 59 43.52 -9.99 -11.72
N THR B 60 43.79 -10.12 -13.02
CA THR B 60 44.65 -11.20 -13.49
C THR B 60 46.03 -11.12 -12.84
N ALA B 61 46.56 -9.91 -12.72
CA ALA B 61 47.89 -9.71 -12.17
C ALA B 61 47.94 -9.95 -10.67
N ASN B 62 46.85 -9.71 -9.96
CA ASN B 62 46.81 -9.90 -8.51
C ASN B 62 45.70 -10.87 -8.15
N PRO B 63 46.02 -12.15 -7.97
CA PRO B 63 45.01 -13.09 -7.48
C PRO B 63 44.55 -12.78 -6.06
N ASN B 64 45.33 -12.01 -5.31
CA ASN B 64 45.01 -11.65 -3.93
C ASN B 64 44.19 -10.37 -3.84
N ALA B 65 43.67 -9.90 -4.96
CA ALA B 65 42.94 -8.63 -5.03
C ALA B 65 41.85 -8.57 -3.95
N PRO B 66 41.62 -7.40 -3.36
CA PRO B 66 40.68 -7.31 -2.23
C PRO B 66 39.24 -7.63 -2.64
N VAL B 67 38.46 -7.99 -1.64
CA VAL B 67 37.16 -8.62 -1.84
C VAL B 67 36.10 -7.55 -2.12
N LEU B 68 35.51 -7.62 -3.30
CA LEU B 68 34.38 -6.78 -3.63
C LEU B 68 33.14 -7.30 -2.91
N SER B 69 32.52 -6.47 -2.10
CA SER B 69 31.41 -6.86 -1.25
C SER B 69 30.28 -5.86 -1.39
N PHE B 70 29.04 -6.33 -1.38
CA PHE B 70 27.90 -5.43 -1.50
C PHE B 70 26.74 -5.87 -0.63
N ARG B 71 25.76 -4.98 -0.51
CA ARG B 71 24.62 -5.14 0.37
C ARG B 71 23.32 -4.84 -0.37
N LEU B 72 22.29 -5.65 -0.18
CA LEU B 72 20.95 -5.29 -0.62
C LEU B 72 20.17 -4.68 0.53
N VAL B 73 19.46 -3.59 0.26
CA VAL B 73 18.76 -2.85 1.29
C VAL B 73 17.32 -2.62 0.87
N ASN B 74 16.47 -2.36 1.87
N ASN B 74 16.46 -2.37 1.86
CA ASN B 74 15.03 -2.16 1.67
CA ASN B 74 15.03 -2.15 1.66
C ASN B 74 14.41 -3.33 0.91
C ASN B 74 14.39 -3.33 0.92
N ILE B 75 14.75 -4.55 1.33
CA ILE B 75 14.34 -5.75 0.63
C ILE B 75 13.17 -6.44 1.29
N SER B 76 12.55 -5.81 2.28
CA SER B 76 11.38 -6.39 2.94
C SER B 76 10.27 -6.73 1.94
N ARG B 77 10.17 -6.02 0.84
CA ARG B 77 9.11 -6.25 -0.14
C ARG B 77 9.43 -7.37 -1.11
N VAL B 78 10.60 -7.95 -1.07
CA VAL B 78 10.99 -8.99 -2.00
C VAL B 78 10.66 -10.36 -1.42
N ASP B 79 9.98 -11.18 -2.22
CA ASP B 79 9.57 -12.49 -1.77
C ASP B 79 10.68 -13.53 -1.90
N HIS B 80 11.52 -13.43 -2.92
CA HIS B 80 12.44 -14.52 -3.25
C HIS B 80 13.67 -14.00 -4.01
N PHE B 81 14.82 -14.60 -3.71
CA PHE B 81 16.11 -14.24 -4.31
C PHE B 81 16.76 -15.44 -4.94
N LEU B 82 17.38 -15.25 -6.10
CA LEU B 82 18.23 -16.26 -6.73
C LEU B 82 19.59 -15.66 -7.03
N PRO B 83 20.51 -15.68 -6.07
CA PRO B 83 21.84 -15.14 -6.31
C PRO B 83 22.61 -15.98 -7.31
N ASN B 84 23.61 -15.35 -7.92
CA ASN B 84 24.47 -16.08 -8.82
C ASN B 84 25.43 -16.89 -7.97
N GLN B 85 25.32 -18.20 -8.02
CA GLN B 85 26.08 -19.05 -7.13
C GLN B 85 27.42 -19.43 -7.73
N LYS B 86 27.62 -19.12 -8.99
CA LYS B 86 28.93 -19.24 -9.59
C LYS B 86 29.90 -18.23 -8.97
N LEU B 87 29.47 -16.98 -8.82
CA LEU B 87 30.35 -15.90 -8.41
C LEU B 87 30.20 -15.41 -6.97
N LEU B 88 29.21 -15.83 -6.20
CA LEU B 88 28.95 -15.12 -4.95
C LEU B 88 28.91 -16.03 -3.73
N TYR B 89 29.24 -15.42 -2.60
CA TYR B 89 29.13 -15.99 -1.26
C TYR B 89 28.09 -15.23 -0.47
N SER B 90 27.63 -15.83 0.62
CA SER B 90 26.66 -15.18 1.48
C SER B 90 26.67 -15.85 2.85
N ASP B 91 25.98 -15.21 3.80
CA ASP B 91 25.87 -15.76 5.14
C ASP B 91 24.47 -16.30 5.35
N PRO B 92 24.27 -17.63 5.38
CA PRO B 92 22.94 -18.15 5.67
C PRO B 92 22.50 -17.86 7.08
N SER B 93 23.43 -17.54 7.98
CA SER B 93 23.12 -17.25 9.37
C SER B 93 22.73 -15.79 9.56
N GLN B 94 22.60 -15.03 8.48
CA GLN B 94 22.20 -13.62 8.56
C GLN B 94 20.68 -13.59 8.48
N SER B 95 20.04 -13.18 9.57
CA SER B 95 18.60 -13.16 9.68
C SER B 95 17.99 -11.78 9.44
N ASP B 96 18.80 -10.77 9.17
CA ASP B 96 18.29 -9.42 9.04
C ASP B 96 17.24 -9.38 7.93
N PRO B 97 16.01 -8.97 8.23
CA PRO B 97 14.95 -8.97 7.20
C PRO B 97 15.09 -7.88 6.15
N ASP B 98 15.67 -6.72 6.50
CA ASP B 98 15.73 -5.59 5.58
C ASP B 98 17.05 -5.46 4.84
N THR B 99 18.02 -6.34 5.10
CA THR B 99 19.36 -6.20 4.54
C THR B 99 19.97 -7.57 4.32
N LYS B 100 20.77 -7.73 3.26
CA LYS B 100 21.53 -8.95 3.08
C LYS B 100 22.85 -8.67 2.36
N ASP B 101 23.89 -9.38 2.79
CA ASP B 101 25.24 -9.17 2.32
C ASP B 101 25.69 -10.27 1.38
N PHE B 102 26.53 -9.89 0.42
CA PHE B 102 27.12 -10.82 -0.52
C PHE B 102 28.59 -10.45 -0.73
N TRP B 103 29.43 -11.46 -0.90
CA TRP B 103 30.83 -11.28 -1.22
C TRP B 103 31.14 -11.97 -2.53
N PHE B 104 31.99 -11.37 -3.33
CA PHE B 104 32.43 -12.01 -4.55
C PHE B 104 33.50 -13.06 -4.27
N ASN B 105 33.51 -14.09 -5.09
CA ASN B 105 34.66 -14.97 -5.19
C ASN B 105 35.63 -14.34 -6.18
N MET B 106 36.76 -13.86 -5.71
CA MET B 106 37.56 -13.04 -6.60
C MET B 106 38.28 -13.86 -7.64
N GLN B 107 38.53 -15.14 -7.35
CA GLN B 107 39.15 -16.00 -8.35
CA GLN B 107 39.16 -16.01 -8.34
C GLN B 107 38.18 -16.34 -9.47
N ALA B 108 36.95 -16.72 -9.13
CA ALA B 108 35.94 -16.95 -10.15
C ALA B 108 35.62 -15.68 -10.92
N LEU B 109 35.44 -14.56 -10.21
CA LEU B 109 35.18 -13.30 -10.88
C LEU B 109 36.28 -12.94 -11.87
N THR B 110 37.54 -13.12 -11.46
CA THR B 110 38.66 -12.85 -12.37
C THR B 110 38.57 -13.69 -13.63
N LEU B 111 38.37 -15.00 -13.47
CA LEU B 111 38.25 -15.87 -14.63
C LEU B 111 37.06 -15.47 -15.49
N HIS B 112 35.97 -15.06 -14.85
CA HIS B 112 34.77 -14.71 -15.60
C HIS B 112 35.00 -13.49 -16.47
N LEU B 113 35.66 -12.47 -15.94
CA LEU B 113 35.93 -11.29 -16.74
C LEU B 113 36.96 -11.59 -17.82
N GLN B 114 37.98 -12.41 -17.51
CA GLN B 114 38.96 -12.79 -18.51
C GLN B 114 38.27 -13.41 -19.72
N ARG B 115 37.27 -14.25 -19.48
CA ARG B 115 36.56 -14.85 -20.59
C ARG B 115 35.77 -13.79 -21.33
N GLU B 116 35.09 -12.92 -20.59
CA GLU B 116 34.31 -11.87 -21.22
C GLU B 116 35.20 -11.00 -22.09
N ALA B 117 36.36 -10.62 -21.57
CA ALA B 117 37.29 -9.84 -22.36
C ALA B 117 37.75 -10.63 -23.59
N GLU B 118 38.20 -11.87 -23.37
CA GLU B 118 38.60 -12.72 -24.49
C GLU B 118 37.50 -12.82 -25.53
N LEU B 119 36.24 -12.86 -25.08
CA LEU B 119 35.12 -12.99 -25.99
C LEU B 119 34.84 -11.69 -26.74
N ASN B 120 35.03 -10.55 -26.08
CA ASN B 120 34.72 -9.26 -26.68
C ASN B 120 35.84 -8.29 -26.36
N PRO B 121 36.96 -8.38 -27.07
CA PRO B 121 38.12 -7.54 -26.74
C PRO B 121 37.85 -6.07 -26.98
N GLN B 122 36.82 -5.73 -27.75
CA GLN B 122 36.53 -4.35 -28.11
C GLN B 122 35.73 -3.62 -27.05
N ALA B 123 35.09 -4.34 -26.14
CA ALA B 123 34.21 -3.69 -25.18
C ALA B 123 35.01 -2.91 -24.16
N SER B 124 34.45 -1.81 -23.68
CA SER B 124 35.09 -1.03 -22.64
C SER B 124 34.57 -1.38 -21.25
N TYR B 125 33.55 -2.22 -21.17
CA TYR B 125 33.02 -2.70 -19.90
C TYR B 125 32.40 -4.08 -20.08
N TYR B 126 32.24 -4.78 -18.97
CA TYR B 126 31.74 -6.15 -18.97
C TYR B 126 30.68 -6.29 -17.90
N ASN B 127 29.51 -6.81 -18.27
CA ASN B 127 28.39 -6.93 -17.35
C ASN B 127 28.34 -8.32 -16.75
N VAL B 128 27.93 -8.38 -15.48
CA VAL B 128 27.82 -9.62 -14.72
C VAL B 128 26.47 -9.65 -14.01
N ALA B 129 25.79 -10.79 -14.10
CA ALA B 129 24.45 -10.95 -13.55
C ALA B 129 24.56 -11.45 -12.12
N LEU B 130 24.15 -10.63 -11.17
CA LEU B 130 24.23 -11.00 -9.77
C LEU B 130 23.00 -11.72 -9.23
N LEU B 131 21.79 -11.28 -9.59
CA LEU B 131 20.62 -11.71 -8.84
C LEU B 131 19.36 -11.63 -9.69
N LYS B 132 18.44 -12.57 -9.46
CA LYS B 132 17.06 -12.51 -9.90
C LYS B 132 16.16 -12.50 -8.68
N TYR B 133 15.01 -11.83 -8.77
CA TYR B 133 14.15 -11.76 -7.60
C TYR B 133 12.72 -11.47 -8.03
N GLN B 134 11.81 -11.67 -7.09
CA GLN B 134 10.37 -11.70 -7.38
C GLN B 134 9.62 -11.09 -6.22
N ALA B 135 8.58 -10.33 -6.53
CA ALA B 135 7.70 -9.78 -5.49
C ALA B 135 6.26 -9.83 -5.97
N SER B 136 5.37 -10.34 -5.12
CA SER B 136 3.97 -10.54 -5.46
C SER B 136 3.10 -9.91 -4.40
N SER B 137 1.95 -9.38 -4.81
CA SER B 137 1.03 -8.82 -3.84
C SER B 137 -0.38 -8.85 -4.41
N GLN B 138 -1.35 -8.93 -3.52
CA GLN B 138 -2.74 -8.65 -3.84
C GLN B 138 -3.15 -7.25 -3.39
N ASP B 139 -2.21 -6.49 -2.86
CA ASP B 139 -2.45 -5.14 -2.38
C ASP B 139 -2.20 -4.16 -3.53
N PRO B 140 -3.22 -3.43 -3.99
CA PRO B 140 -2.99 -2.48 -5.10
C PRO B 140 -1.95 -1.43 -4.78
N SER B 141 -1.61 -1.24 -3.51
CA SER B 141 -0.61 -0.27 -3.13
C SER B 141 0.75 -0.56 -3.76
N ARG B 142 0.95 -1.76 -4.28
CA ARG B 142 2.19 -2.09 -4.94
C ARG B 142 2.18 -1.71 -6.41
N ALA B 143 1.06 -1.36 -6.95
CA ALA B 143 0.99 -1.05 -8.37
C ALA B 143 1.10 0.44 -8.58
N PRO B 144 2.01 0.90 -9.42
CA PRO B 144 2.16 2.35 -9.60
C PRO B 144 0.98 3.03 -10.26
N LEU B 145 0.25 2.32 -11.10
CA LEU B 145 -0.87 2.89 -11.83
C LEU B 145 -2.11 2.07 -11.53
N LEU B 146 -3.09 2.71 -10.92
CA LEU B 146 -4.33 2.05 -10.56
C LEU B 146 -5.30 2.15 -11.72
N LEU B 147 -5.90 1.01 -12.07
CA LEU B 147 -6.83 0.94 -13.19
C LEU B 147 -8.21 0.46 -12.71
N SER B 148 -9.25 1.09 -13.21
CA SER B 148 -10.62 0.61 -13.04
C SER B 148 -11.36 0.68 -14.36
N ALA B 149 -11.70 -0.49 -14.90
CA ALA B 149 -12.45 -0.60 -16.14
C ALA B 149 -13.89 -1.05 -15.87
N GLU B 150 -14.80 -0.55 -16.70
CA GLU B 150 -16.22 -0.89 -16.62
C GLU B 150 -16.72 -1.15 -18.03
N CYS B 151 -17.75 -1.99 -18.13
N CYS B 151 -17.74 -2.01 -18.13
CA CYS B 151 -18.29 -2.38 -19.42
CA CYS B 151 -18.29 -2.35 -19.43
C CYS B 151 -19.81 -2.48 -19.35
C CYS B 151 -19.80 -2.50 -19.37
N GLN B 152 -20.47 -2.04 -20.42
CA GLN B 152 -21.91 -2.11 -20.54
C GLN B 152 -22.26 -2.48 -21.96
N ARG B 153 -23.32 -3.28 -22.12
CA ARG B 153 -23.78 -3.71 -23.44
C ARG B 153 -25.29 -3.62 -23.54
N SER B 154 -25.77 -2.78 -24.45
CA SER B 154 -27.19 -2.69 -24.79
C SER B 154 -27.35 -3.13 -26.25
N GLY B 155 -27.98 -4.27 -26.46
CA GLY B 155 -28.12 -4.78 -27.81
C GLY B 155 -26.77 -5.00 -28.46
N THR B 156 -26.58 -4.41 -29.63
CA THR B 156 -25.36 -4.58 -30.41
C THR B 156 -24.27 -3.60 -30.03
N VAL B 157 -24.56 -2.66 -29.13
CA VAL B 157 -23.64 -1.61 -28.75
C VAL B 157 -22.91 -2.00 -27.46
N THR B 158 -21.58 -1.93 -27.50
CA THR B 158 -20.73 -2.17 -26.36
C THR B 158 -20.03 -0.88 -25.98
N ARG B 159 -20.03 -0.54 -24.71
CA ARG B 159 -19.26 0.63 -24.28
C ARG B 159 -18.21 0.18 -23.28
N VAL B 160 -17.01 0.74 -23.40
CA VAL B 160 -15.91 0.41 -22.52
C VAL B 160 -15.30 1.71 -22.02
N SER B 161 -15.02 1.78 -20.72
CA SER B 161 -14.40 2.95 -20.14
C SER B 161 -13.31 2.54 -19.17
N LEU B 162 -12.28 3.38 -19.04
CA LEU B 162 -11.17 3.12 -18.14
C LEU B 162 -10.79 4.37 -17.35
N ASP B 163 -10.77 4.25 -16.03
CA ASP B 163 -10.20 5.27 -15.17
C ASP B 163 -8.80 4.84 -14.75
N TYR B 164 -7.86 5.76 -14.78
CA TYR B 164 -6.50 5.47 -14.35
C TYR B 164 -6.05 6.51 -13.33
N HIS B 165 -5.28 6.05 -12.38
CA HIS B 165 -4.88 6.87 -11.25
C HIS B 165 -3.43 6.56 -10.93
N CYS B 166 -2.58 7.57 -11.00
CA CYS B 166 -1.17 7.43 -10.67
C CYS B 166 -1.01 8.02 -9.29
N CYS B 167 -0.63 7.20 -8.34
CA CYS B 167 -0.95 7.65 -7.01
C CYS B 167 0.32 7.81 -6.19
N PRO B 168 0.35 8.82 -5.32
CA PRO B 168 1.55 9.02 -4.50
C PRO B 168 1.76 7.91 -3.48
N ALA B 169 0.68 7.30 -3.00
CA ALA B 169 0.80 6.18 -2.08
C ALA B 169 1.34 4.94 -2.78
N THR B 170 1.10 4.82 -4.07
CA THR B 170 1.48 3.65 -4.83
C THR B 170 2.77 3.85 -5.61
N ALA B 171 2.86 4.87 -6.26
CA ALA B 171 3.89 5.01 -7.27
C ALA B 171 5.21 5.47 -6.68
N PRO B 172 6.32 5.04 -7.29
CA PRO B 172 7.63 5.60 -6.96
C PRO B 172 7.70 7.05 -7.39
N ALA B 173 8.75 7.73 -6.94
CA ALA B 173 8.91 9.14 -7.27
C ALA B 173 9.67 9.25 -8.58
N THR B 174 8.92 9.38 -9.66
CA THR B 174 9.41 9.53 -11.02
C THR B 174 8.20 9.52 -11.94
N GLN B 175 8.41 9.90 -13.19
CA GLN B 175 7.36 9.88 -14.17
C GLN B 175 7.19 8.49 -14.76
N LEU B 176 5.98 8.18 -15.17
CA LEU B 176 5.72 7.07 -16.08
C LEU B 176 5.67 7.63 -17.49
N THR B 177 6.48 7.08 -18.38
CA THR B 177 6.60 7.59 -19.74
C THR B 177 6.26 6.49 -20.73
N SER B 178 6.24 6.84 -22.01
CA SER B 178 5.81 5.94 -23.09
C SER B 178 4.49 5.24 -22.74
N VAL B 179 3.55 6.01 -22.19
CA VAL B 179 2.29 5.45 -21.71
C VAL B 179 1.35 5.21 -22.87
N GLN B 180 0.87 3.98 -22.98
CA GLN B 180 -0.08 3.56 -24.00
C GLN B 180 -1.19 2.74 -23.35
N VAL B 181 -2.38 2.81 -23.94
CA VAL B 181 -3.51 2.00 -23.52
C VAL B 181 -4.03 1.29 -24.73
N LEU B 182 -4.17 -0.02 -24.64
CA LEU B 182 -4.52 -0.88 -25.75
C LEU B 182 -5.82 -1.61 -25.45
N LEU B 183 -6.80 -1.45 -26.31
CA LEU B 183 -8.05 -2.19 -26.24
C LEU B 183 -8.19 -3.00 -27.52
N PRO B 184 -8.11 -4.33 -27.48
CA PRO B 184 -8.26 -5.09 -28.72
C PRO B 184 -9.70 -5.04 -29.21
N LEU B 185 -9.85 -4.86 -30.51
CA LEU B 185 -11.16 -4.77 -31.15
C LEU B 185 -11.08 -5.37 -32.54
N ASP B 186 -12.04 -6.21 -32.89
CA ASP B 186 -11.99 -6.89 -34.17
C ASP B 186 -12.31 -5.94 -35.31
N HIS B 187 -11.99 -6.38 -36.53
CA HIS B 187 -12.19 -5.54 -37.71
C HIS B 187 -13.65 -5.52 -38.15
N SER B 188 -14.52 -6.29 -37.52
CA SER B 188 -15.94 -6.31 -37.82
C SER B 188 -16.71 -5.25 -37.06
N ALA B 189 -16.06 -4.43 -36.25
CA ALA B 189 -16.73 -3.44 -35.43
C ALA B 189 -16.99 -2.18 -36.23
N THR B 190 -18.13 -1.54 -35.95
CA THR B 190 -18.54 -0.33 -36.66
C THR B 190 -19.05 0.70 -35.66
N ASP B 191 -19.22 1.93 -36.14
CA ASP B 191 -19.78 3.03 -35.35
C ASP B 191 -18.86 3.36 -34.18
N LEU B 192 -17.58 3.52 -34.49
CA LEU B 192 -16.57 3.73 -33.48
C LEU B 192 -16.61 5.14 -32.95
N GLN B 193 -16.71 5.27 -31.64
CA GLN B 193 -16.58 6.55 -30.99
C GLN B 193 -15.52 6.39 -29.90
N CYS B 194 -14.63 7.36 -29.78
CA CYS B 194 -13.59 7.32 -28.76
C CYS B 194 -13.43 8.69 -28.16
N GLN B 195 -13.40 8.75 -26.84
CA GLN B 195 -13.07 9.98 -26.15
C GLN B 195 -12.00 9.61 -25.15
N PRO B 196 -10.79 10.15 -25.28
CA PRO B 196 -10.21 10.95 -26.37
C PRO B 196 -10.02 10.10 -27.63
N PRO B 197 -9.57 10.70 -28.72
CA PRO B 197 -9.43 9.94 -29.97
C PRO B 197 -8.40 8.84 -29.86
N ALA B 198 -8.64 7.76 -30.58
CA ALA B 198 -7.71 6.64 -30.62
C ALA B 198 -7.51 6.18 -32.05
N ALA B 199 -6.38 5.52 -32.26
CA ALA B 199 -6.06 4.91 -33.53
C ALA B 199 -6.42 3.44 -33.47
N TRP B 200 -6.71 2.85 -34.62
CA TRP B 200 -6.94 1.42 -34.72
C TRP B 200 -5.81 0.80 -35.52
N ASN B 201 -5.05 -0.07 -34.90
CA ASN B 201 -3.90 -0.70 -35.53
C ASN B 201 -4.39 -1.94 -36.25
N ALA B 202 -4.22 -2.00 -37.56
CA ALA B 202 -4.82 -3.08 -38.31
C ALA B 202 -4.05 -4.39 -38.18
N GLU B 203 -2.73 -4.32 -38.01
CA GLU B 203 -1.95 -5.53 -37.82
C GLU B 203 -2.39 -6.28 -36.56
N GLU B 204 -2.37 -5.62 -35.42
CA GLU B 204 -2.73 -6.26 -34.17
C GLU B 204 -4.23 -6.22 -33.85
N ARG B 205 -5.01 -5.40 -34.56
CA ARG B 205 -6.46 -5.29 -34.37
C ARG B 205 -6.79 -4.82 -32.96
N ARG B 206 -6.43 -3.56 -32.69
CA ARG B 206 -6.63 -3.03 -31.36
C ARG B 206 -6.67 -1.51 -31.42
N LEU B 207 -7.38 -0.94 -30.45
CA LEU B 207 -7.43 0.51 -30.28
C LEU B 207 -6.24 0.99 -29.45
N LEU B 208 -5.63 2.08 -29.88
CA LEU B 208 -4.44 2.64 -29.24
C LEU B 208 -4.67 4.05 -28.77
N TRP B 209 -4.55 4.27 -27.48
CA TRP B 209 -4.44 5.61 -26.91
C TRP B 209 -2.99 5.85 -26.51
N LYS B 210 -2.47 7.02 -26.87
CA LYS B 210 -1.19 7.48 -26.36
C LYS B 210 -1.45 8.54 -25.32
N LEU B 211 -0.92 8.35 -24.13
CA LEU B 211 -1.18 9.22 -23.00
C LEU B 211 0.05 10.08 -22.73
N ALA B 212 -0.19 11.27 -22.19
CA ALA B 212 0.91 12.08 -21.75
C ALA B 212 1.61 11.40 -20.58
N ASN B 213 2.85 11.80 -20.32
CA ASN B 213 3.56 11.25 -19.18
C ASN B 213 2.75 11.49 -17.92
N LEU B 214 2.83 10.54 -16.99
CA LEU B 214 2.06 10.61 -15.76
C LEU B 214 2.98 10.76 -14.58
N SER B 215 2.56 11.58 -13.63
CA SER B 215 3.36 11.81 -12.46
C SER B 215 2.49 11.75 -11.22
N PRO B 216 2.98 11.15 -10.14
CA PRO B 216 2.21 11.15 -8.89
C PRO B 216 2.11 12.52 -8.26
N THR B 217 2.98 13.45 -8.65
CA THR B 217 3.12 14.72 -7.94
C THR B 217 1.88 15.59 -8.07
N ASN B 218 1.14 15.50 -9.17
CA ASN B 218 0.04 16.42 -9.40
C ASN B 218 -1.21 15.67 -9.79
N HIS B 219 -2.35 16.09 -9.22
CA HIS B 219 -3.63 15.42 -9.45
C HIS B 219 -4.01 15.48 -10.92
N SER B 220 -3.96 16.67 -11.52
CA SER B 220 -4.33 16.81 -12.92
C SER B 220 -3.34 16.08 -13.81
N LYS B 221 -2.07 16.03 -13.40
CA LYS B 221 -1.08 15.34 -14.20
C LYS B 221 -1.23 13.83 -14.09
N GLY B 222 -1.73 13.34 -12.97
CA GLY B 222 -1.70 11.93 -12.68
C GLY B 222 -2.93 11.08 -12.91
N SER B 223 -4.09 11.68 -13.11
CA SER B 223 -5.33 10.92 -13.18
C SER B 223 -6.05 11.22 -14.49
N GLY B 224 -6.95 10.32 -14.87
CA GLY B 224 -7.65 10.51 -16.13
C GLY B 224 -8.67 9.42 -16.34
N THR B 225 -9.30 9.50 -17.51
CA THR B 225 -10.34 8.57 -17.90
C THR B 225 -10.40 8.54 -19.42
N LEU B 226 -10.86 7.43 -19.97
CA LEU B 226 -11.03 7.32 -21.42
C LEU B 226 -12.06 6.22 -21.71
N CYS B 227 -12.65 6.29 -22.90
CA CYS B 227 -13.71 5.35 -23.22
C CYS B 227 -13.88 5.21 -24.71
N ALA B 228 -14.54 4.12 -25.10
CA ALA B 228 -14.81 3.84 -26.49
C ALA B 228 -16.09 3.03 -26.59
N SER B 229 -16.75 3.14 -27.74
CA SER B 229 -17.97 2.40 -28.01
C SER B 229 -18.00 2.01 -29.49
N TRP B 230 -18.71 0.94 -29.79
CA TRP B 230 -18.82 0.45 -31.16
C TRP B 230 -20.07 -0.43 -31.26
N GLN B 231 -20.33 -0.91 -32.48
CA GLN B 231 -21.42 -1.83 -32.74
C GLN B 231 -20.83 -3.10 -33.33
N CYS B 232 -21.40 -4.24 -32.93
CA CYS B 232 -20.93 -5.54 -33.42
C CYS B 232 -22.15 -6.38 -33.75
N LEU B 233 -22.24 -6.82 -35.01
CA LEU B 233 -23.43 -7.55 -35.45
C LEU B 233 -23.63 -8.84 -34.67
N GLU B 234 -22.55 -9.47 -34.22
CA GLU B 234 -22.66 -10.71 -33.47
C GLU B 234 -23.23 -10.49 -32.07
N GLY B 238 -17.61 -13.66 -26.82
CA GLY B 238 -16.66 -14.12 -25.83
C GLY B 238 -16.78 -13.39 -24.51
N PRO B 239 -15.71 -13.39 -23.73
CA PRO B 239 -15.75 -12.70 -22.44
C PRO B 239 -15.65 -11.20 -22.62
N ALA B 240 -15.76 -10.46 -21.53
CA ALA B 240 -15.63 -9.03 -21.61
C ALA B 240 -14.21 -8.67 -22.05
N PRO B 241 -14.06 -7.60 -22.82
CA PRO B 241 -12.73 -7.21 -23.29
C PRO B 241 -11.87 -6.75 -22.13
N SER B 242 -10.56 -6.86 -22.33
CA SER B 242 -9.57 -6.42 -21.36
C SER B 242 -8.70 -5.33 -21.99
N LEU B 243 -8.32 -4.36 -21.18
CA LEU B 243 -7.42 -3.32 -21.64
C LEU B 243 -6.01 -3.57 -21.14
N ALA B 244 -5.02 -3.30 -21.98
CA ALA B 244 -3.62 -3.40 -21.61
C ALA B 244 -3.00 -2.01 -21.57
N VAL B 245 -2.18 -1.78 -20.55
CA VAL B 245 -1.44 -0.54 -20.37
C VAL B 245 0.05 -0.82 -20.43
N GLN B 246 0.77 0.07 -21.09
CA GLN B 246 2.22 -0.01 -21.22
C GLN B 246 2.83 1.28 -20.72
N PHE B 247 3.93 1.17 -19.99
CA PHE B 247 4.68 2.34 -19.58
C PHE B 247 6.07 1.92 -19.17
N VAL B 248 6.89 2.92 -18.86
CA VAL B 248 8.32 2.78 -18.61
C VAL B 248 8.65 3.81 -17.55
N GLY B 249 9.74 3.58 -16.84
CA GLY B 249 10.19 4.50 -15.83
C GLY B 249 11.69 4.36 -15.64
N SER B 250 12.27 5.35 -14.99
CA SER B 250 13.69 5.34 -14.72
C SER B 250 13.93 6.14 -13.47
N GLY B 251 14.99 5.81 -12.75
CA GLY B 251 15.39 6.56 -11.58
C GLY B 251 14.86 6.03 -10.28
N ALA B 252 13.97 5.05 -10.33
CA ALA B 252 13.48 4.42 -9.12
C ALA B 252 13.22 2.96 -9.42
N SER B 253 13.11 2.17 -8.36
CA SER B 253 12.68 0.80 -8.46
C SER B 253 11.25 0.68 -7.95
N LEU B 254 10.51 -0.28 -8.49
CA LEU B 254 9.16 -0.51 -7.97
C LEU B 254 9.20 -1.30 -6.67
N SER B 255 10.08 -2.29 -6.57
CA SER B 255 10.15 -3.11 -5.37
C SER B 255 10.63 -2.32 -4.17
N GLY B 256 11.43 -1.29 -4.39
CA GLY B 256 12.08 -0.59 -3.30
C GLY B 256 13.48 -1.08 -3.03
N LEU B 257 13.86 -2.22 -3.61
CA LEU B 257 15.19 -2.78 -3.44
C LEU B 257 16.25 -1.79 -3.91
N ASP B 258 17.38 -1.78 -3.21
CA ASP B 258 18.51 -0.94 -3.58
C ASP B 258 19.80 -1.70 -3.23
N VAL B 259 20.92 -1.24 -3.79
CA VAL B 259 22.20 -1.88 -3.57
C VAL B 259 23.25 -0.84 -3.15
N GLU B 260 24.09 -1.19 -2.19
CA GLU B 260 25.19 -0.33 -1.80
C GLU B 260 26.40 -1.19 -1.49
N LEU B 261 27.59 -0.64 -1.76
CA LEU B 261 28.82 -1.38 -1.54
C LEU B 261 29.19 -1.38 -0.07
N VAL B 262 29.96 -2.37 0.34
CA VAL B 262 30.41 -2.50 1.72
C VAL B 262 31.91 -2.43 1.70
N GLY B 263 32.47 -1.40 2.32
CA GLY B 263 33.88 -1.15 2.26
C GLY B 263 34.22 -0.04 1.29
N SER B 264 35.39 0.54 1.49
CA SER B 264 35.82 1.70 0.74
C SER B 264 36.76 1.35 -0.40
N ARG B 265 37.11 0.08 -0.57
CA ARG B 265 38.13 -0.28 -1.55
C ARG B 265 37.61 -0.15 -2.96
N TYR B 266 36.31 -0.28 -3.14
CA TYR B 266 35.64 -0.06 -4.40
C TYR B 266 34.62 1.05 -4.20
N ARG B 267 34.26 1.72 -5.28
CA ARG B 267 33.22 2.71 -5.19
C ARG B 267 32.24 2.54 -6.34
N MET B 268 31.01 2.92 -6.10
CA MET B 268 29.94 2.70 -7.06
C MET B 268 29.85 3.91 -7.96
N SER B 269 30.24 3.73 -9.21
N SER B 269 30.24 3.73 -9.21
CA SER B 269 30.22 4.82 -10.17
CA SER B 269 30.22 4.82 -10.17
C SER B 269 28.81 5.31 -10.42
C SER B 269 28.81 5.32 -10.42
N LEU B 270 27.83 4.41 -10.37
CA LEU B 270 26.46 4.72 -10.76
C LEU B 270 25.56 3.54 -10.47
N VAL B 271 24.29 3.81 -10.25
CA VAL B 271 23.27 2.76 -10.12
C VAL B 271 22.11 3.17 -11.01
N LYS B 272 21.91 2.40 -12.08
CA LYS B 272 20.84 2.66 -13.04
C LYS B 272 19.63 1.85 -12.63
N LYS B 273 18.48 2.52 -12.51
CA LYS B 273 17.21 1.90 -12.14
C LYS B 273 16.19 2.13 -13.25
N ARG B 274 15.65 1.03 -13.77
CA ARG B 274 14.65 1.11 -14.82
C ARG B 274 13.56 0.07 -14.62
N PHE B 275 12.35 0.41 -15.03
CA PHE B 275 11.27 -0.55 -14.96
C PHE B 275 10.34 -0.40 -16.15
N ALA B 276 9.60 -1.47 -16.42
CA ALA B 276 8.68 -1.48 -17.54
C ALA B 276 7.51 -2.41 -17.23
N THR B 277 6.41 -2.17 -17.92
CA THR B 277 5.27 -3.07 -17.81
C THR B 277 5.54 -4.35 -18.58
N GLY B 278 5.10 -5.45 -18.04
CA GLY B 278 4.92 -6.67 -18.79
C GLY B 278 3.48 -6.68 -19.27
N LYS B 279 2.76 -7.74 -18.95
CA LYS B 279 1.30 -7.76 -19.09
C LYS B 279 0.68 -7.02 -17.93
N TYR B 280 0.02 -5.90 -18.21
CA TYR B 280 -0.49 -5.01 -17.17
C TYR B 280 -1.91 -4.65 -17.56
N MET B 281 -2.90 -5.21 -16.86
CA MET B 281 -4.23 -5.35 -17.44
C MET B 281 -5.35 -4.92 -16.48
N ALA B 282 -6.42 -4.41 -17.07
CA ALA B 282 -7.66 -4.12 -16.37
C ALA B 282 -8.79 -4.84 -17.06
N GLY B 283 -9.49 -5.70 -16.35
CA GLY B 283 -10.68 -6.34 -16.84
C GLY B 283 -11.93 -5.68 -16.28
N CYS B 284 -13.06 -5.92 -16.96
N CYS B 284 -13.06 -5.93 -16.95
CA CYS B 284 -14.34 -5.35 -16.52
CA CYS B 284 -14.35 -5.37 -16.56
C CYS B 284 -15.42 -6.42 -16.53
C CYS B 284 -15.38 -6.48 -16.48
N SER B 285 -16.39 -6.25 -15.65
CA SER B 285 -17.49 -7.19 -15.54
C SER B 285 -18.70 -6.71 -16.34
N PHE C 6 -18.24 8.66 19.97
CA PHE C 6 -17.68 7.32 20.16
C PHE C 6 -17.67 6.93 21.62
N GLN C 7 -18.84 6.61 22.17
CA GLN C 7 -18.88 6.23 23.57
C GLN C 7 -18.37 4.79 23.72
N SER C 8 -18.12 4.41 24.97
CA SER C 8 -17.52 3.11 25.23
C SER C 8 -18.49 1.97 24.94
N ASP C 9 -19.79 2.24 24.86
CA ASP C 9 -20.74 1.26 24.38
C ASP C 9 -20.84 1.41 22.87
N PRO C 10 -20.31 0.47 22.09
CA PRO C 10 -20.29 0.67 20.64
C PRO C 10 -21.66 0.64 20.01
N PHE C 11 -22.67 0.13 20.71
CA PHE C 11 -24.03 0.11 20.21
C PHE C 11 -24.85 1.28 20.73
N VAL C 12 -24.21 2.16 21.50
CA VAL C 12 -24.73 3.48 21.87
C VAL C 12 -26.19 3.39 22.25
N GLY C 13 -26.48 2.53 23.22
CA GLY C 13 -27.81 2.40 23.77
C GLY C 13 -28.91 1.90 22.86
N SER C 14 -28.56 1.43 21.67
CA SER C 14 -29.52 0.91 20.70
C SER C 14 -29.38 -0.61 20.64
N ASP C 15 -30.38 -1.32 21.17
CA ASP C 15 -30.30 -2.77 21.29
C ASP C 15 -30.12 -3.41 19.92
N PRO C 16 -29.01 -4.09 19.68
CA PRO C 16 -28.81 -4.75 18.38
C PRO C 16 -29.69 -5.96 18.16
N PHE C 17 -30.35 -6.46 19.19
CA PHE C 17 -31.23 -7.61 19.06
C PHE C 17 -32.70 -7.25 18.97
N LYS C 18 -33.05 -5.97 18.98
CA LYS C 18 -34.45 -5.58 19.10
C LYS C 18 -35.31 -6.20 18.01
N ASP C 19 -34.79 -6.31 16.79
CA ASP C 19 -35.56 -6.85 15.67
C ASP C 19 -35.32 -8.33 15.44
N ASP C 20 -34.54 -8.99 16.26
CA ASP C 20 -34.17 -10.38 16.06
C ASP C 20 -35.30 -11.31 16.50
N PRO C 21 -35.56 -12.38 15.73
CA PRO C 21 -36.64 -13.30 16.10
C PRO C 21 -36.46 -14.01 17.43
N PHE C 22 -35.27 -13.95 18.03
CA PHE C 22 -35.02 -14.62 19.31
CA PHE C 22 -35.02 -14.63 19.30
C PHE C 22 -36.11 -14.30 20.31
N GLY C 23 -36.56 -15.32 21.03
CA GLY C 23 -37.60 -15.15 22.03
C GLY C 23 -38.98 -14.88 21.44
N LEU D 11 -38.15 -24.50 24.78
CA LEU D 11 -37.93 -24.35 23.35
C LEU D 11 -36.76 -23.40 23.09
N SER D 12 -36.68 -22.34 23.90
CA SER D 12 -35.60 -21.36 23.75
C SER D 12 -34.25 -22.03 23.74
N ALA D 13 -34.09 -23.10 24.52
CA ALA D 13 -32.83 -23.82 24.55
C ALA D 13 -32.45 -24.35 23.17
N GLN D 14 -33.43 -24.76 22.36
CA GLN D 14 -33.10 -25.49 21.14
C GLN D 14 -32.77 -24.57 19.96
N GLU D 15 -33.19 -23.31 20.02
CA GLU D 15 -32.98 -22.39 18.91
C GLU D 15 -31.57 -21.81 18.94
N SER D 16 -31.05 -21.48 17.76
CA SER D 16 -29.72 -20.87 17.65
C SER D 16 -29.72 -19.52 18.34
N TRP D 17 -28.67 -19.23 19.02
CA TRP D 17 -28.70 -18.03 19.82
CA TRP D 17 -28.73 -18.00 19.79
C TRP D 17 -27.91 -16.91 19.15
N PRO D 18 -28.40 -15.68 19.16
CA PRO D 18 -27.69 -14.59 18.51
C PRO D 18 -26.68 -13.91 19.43
N VAL D 19 -25.57 -13.50 18.82
CA VAL D 19 -24.65 -12.55 19.43
C VAL D 19 -24.36 -11.48 18.40
N ALA D 20 -23.80 -10.37 18.85
CA ALA D 20 -23.41 -9.29 17.96
C ALA D 20 -21.98 -8.88 18.26
N ALA D 21 -21.26 -8.42 17.24
CA ALA D 21 -19.88 -8.01 17.39
C ALA D 21 -19.70 -6.55 16.99
N ALA D 22 -18.68 -5.90 17.56
CA ALA D 22 -18.33 -4.53 17.21
C ALA D 22 -16.83 -4.37 17.09
N ILE D 23 -16.40 -3.82 15.97
CA ILE D 23 -15.00 -3.55 15.68
C ILE D 23 -14.82 -2.04 15.66
N THR D 24 -14.00 -1.53 16.58
CA THR D 24 -13.76 -0.09 16.71
C THR D 24 -12.27 0.18 16.54
N GLU D 25 -11.92 1.13 15.66
CA GLU D 25 -10.53 1.42 15.34
C GLU D 25 -10.27 2.92 15.37
N TYR D 26 -9.19 3.32 16.02
CA TYR D 26 -8.68 4.68 16.00
C TYR D 26 -7.37 4.69 15.25
N ILE D 27 -7.12 5.74 14.47
CA ILE D 27 -5.92 5.83 13.65
C ILE D 27 -5.16 7.10 13.98
N ASN D 28 -3.88 6.94 14.25
CA ASN D 28 -2.96 8.05 14.43
C ASN D 28 -1.97 8.06 13.28
N ALA D 29 -1.67 9.24 12.76
CA ALA D 29 -0.75 9.33 11.65
C ALA D 29 -0.02 10.66 11.67
N TYR D 30 1.17 10.64 11.09
CA TYR D 30 1.97 11.83 10.90
C TYR D 30 2.62 11.78 9.53
N PHE D 31 2.39 12.81 8.74
CA PHE D 31 3.07 12.97 7.47
C PHE D 31 4.14 14.04 7.66
N ARG D 32 5.40 13.63 7.50
CA ARG D 32 6.54 14.45 7.92
C ARG D 32 6.72 15.66 7.02
N GLY D 33 6.41 15.53 5.74
CA GLY D 33 6.68 16.59 4.79
C GLY D 33 8.07 16.48 4.21
N GLY D 34 8.58 17.62 3.75
CA GLY D 34 9.88 17.63 3.12
C GLY D 34 9.91 16.90 1.78
N GLU D 35 11.09 16.41 1.42
CA GLU D 35 11.28 15.85 0.09
C GLU D 35 10.37 14.65 -0.14
N HIS D 36 10.50 13.61 0.67
CA HIS D 36 9.78 12.36 0.46
C HIS D 36 8.48 12.25 1.23
N ASN D 37 8.16 13.21 2.09
CA ASN D 37 6.92 13.22 2.88
C ASN D 37 6.68 11.85 3.52
N ARG D 38 7.65 11.43 4.32
CA ARG D 38 7.57 10.14 4.98
C ARG D 38 6.48 10.17 6.05
N CYS D 39 5.86 9.02 6.28
CA CYS D 39 4.72 8.97 7.18
C CYS D 39 4.79 7.76 8.08
N LEU D 40 4.08 7.86 9.20
CA LEU D 40 3.92 6.76 10.13
CA LEU D 40 3.94 6.78 10.16
C LEU D 40 2.45 6.62 10.50
N VAL D 41 1.95 5.39 10.46
CA VAL D 41 0.55 5.09 10.75
C VAL D 41 0.46 4.14 11.93
N LYS D 42 -0.43 4.43 12.87
CA LYS D 42 -0.76 3.51 13.96
C LYS D 42 -2.27 3.35 14.12
N ILE D 43 -2.75 2.13 13.96
CA ILE D 43 -4.15 1.80 14.19
C ILE D 43 -4.26 1.01 15.49
N THR D 44 -5.21 1.39 16.33
CA THR D 44 -5.51 0.71 17.58
C THR D 44 -6.95 0.22 17.50
N GLY D 45 -7.18 -1.05 17.80
CA GLY D 45 -8.48 -1.66 17.60
C GLY D 45 -9.04 -2.35 18.84
N ASP D 46 -10.35 -2.52 18.81
CA ASP D 46 -11.10 -3.15 19.88
C ASP D 46 -12.15 -4.05 19.28
N LEU D 47 -12.24 -5.27 19.77
CA LEU D 47 -13.29 -6.21 19.42
C LEU D 47 -14.19 -6.42 20.61
N THR D 48 -15.44 -6.03 20.49
CA THR D 48 -16.42 -6.21 21.54
C THR D 48 -17.50 -7.16 21.05
N MET D 49 -18.04 -7.99 21.93
CA MET D 49 -19.16 -8.84 21.60
C MET D 49 -20.31 -8.57 22.57
N SER D 50 -21.52 -8.56 22.02
CA SER D 50 -22.72 -8.27 22.79
C SER D 50 -23.58 -9.52 22.90
N PHE D 51 -24.25 -9.68 24.04
CA PHE D 51 -25.10 -10.83 24.33
C PHE D 51 -26.48 -10.34 24.74
N PRO D 52 -27.54 -10.96 24.26
CA PRO D 52 -28.88 -10.51 24.65
C PRO D 52 -29.20 -10.94 26.06
N ALA D 53 -29.93 -10.07 26.78
CA ALA D 53 -30.17 -10.29 28.20
C ALA D 53 -30.70 -11.68 28.46
N GLY D 54 -31.53 -12.19 27.58
CA GLY D 54 -32.12 -13.48 27.82
C GLY D 54 -31.19 -14.66 27.73
N ILE D 55 -29.95 -14.47 27.25
CA ILE D 55 -29.06 -15.63 27.11
C ILE D 55 -28.43 -16.01 28.43
N THR D 56 -28.49 -15.14 29.44
CA THR D 56 -27.99 -15.50 30.75
C THR D 56 -28.76 -16.70 31.29
N ARG D 57 -30.08 -16.58 31.35
CA ARG D 57 -30.93 -17.66 31.86
C ARG D 57 -30.61 -18.97 31.17
N ILE D 58 -30.28 -18.91 29.89
CA ILE D 58 -29.89 -20.12 29.18
C ILE D 58 -28.57 -20.62 29.73
N PHE D 59 -27.61 -19.71 29.92
CA PHE D 59 -26.29 -20.10 30.38
C PHE D 59 -26.33 -20.51 31.84
N THR D 60 -27.08 -19.76 32.65
CA THR D 60 -27.21 -20.08 34.07
C THR D 60 -27.73 -21.49 34.28
N ALA D 61 -28.78 -21.87 33.55
CA ALA D 61 -29.42 -23.15 33.78
C ALA D 61 -28.58 -24.30 33.25
N ASN D 62 -27.79 -24.06 32.21
CA ASN D 62 -27.06 -25.15 31.60
C ASN D 62 -25.57 -24.90 31.64
N PRO D 63 -24.85 -25.46 32.62
CA PRO D 63 -23.38 -25.32 32.62
C PRO D 63 -22.72 -26.01 31.45
N ASN D 64 -23.39 -27.00 30.85
CA ASN D 64 -22.86 -27.78 29.75
C ASN D 64 -23.18 -27.15 28.40
N ALA D 65 -23.63 -25.91 28.41
CA ALA D 65 -24.04 -25.21 27.20
C ALA D 65 -22.94 -25.29 26.14
N PRO D 66 -23.30 -25.38 24.87
CA PRO D 66 -22.31 -25.56 23.81
C PRO D 66 -21.37 -24.37 23.70
N VAL D 67 -20.20 -24.64 23.14
CA VAL D 67 -19.08 -23.71 23.19
C VAL D 67 -19.19 -22.68 22.07
N LEU D 68 -19.26 -21.42 22.46
CA LEU D 68 -19.23 -20.32 21.52
C LEU D 68 -17.81 -20.09 21.03
N SER D 69 -17.62 -20.17 19.72
CA SER D 69 -16.31 -20.12 19.10
C SER D 69 -16.34 -19.11 17.96
N PHE D 70 -15.26 -18.35 17.81
CA PHE D 70 -15.18 -17.40 16.72
C PHE D 70 -13.78 -17.38 16.14
N ARG D 71 -13.67 -16.78 14.96
CA ARG D 71 -12.46 -16.75 14.17
C ARG D 71 -12.21 -15.30 13.75
N LEU D 72 -10.96 -14.86 13.86
CA LEU D 72 -10.57 -13.59 13.28
C LEU D 72 -10.02 -13.85 11.88
N VAL D 73 -10.37 -13.00 10.91
CA VAL D 73 -9.96 -13.22 9.53
C VAL D 73 -9.33 -11.94 8.99
N ASN D 74 -8.43 -12.10 8.03
N ASN D 74 -8.45 -12.10 8.00
CA ASN D 74 -7.78 -10.98 7.36
CA ASN D 74 -7.75 -10.99 7.34
C ASN D 74 -6.90 -10.19 8.33
C ASN D 74 -6.92 -10.19 8.35
N ILE D 75 -6.14 -10.91 9.15
CA ILE D 75 -5.37 -10.33 10.24
C ILE D 75 -3.91 -10.13 9.82
N SER D 76 -3.60 -10.33 8.55
CA SER D 76 -2.23 -10.20 8.09
C SER D 76 -1.62 -8.87 8.49
N ARG D 77 -2.43 -7.82 8.54
CA ARG D 77 -1.93 -6.49 8.83
C ARG D 77 -1.82 -6.19 10.33
N VAL D 78 -2.25 -7.09 11.20
CA VAL D 78 -2.28 -6.81 12.63
C VAL D 78 -0.97 -7.24 13.24
N ASP D 79 -0.33 -6.34 13.97
CA ASP D 79 0.97 -6.63 14.55
C ASP D 79 0.89 -7.37 15.88
N HIS D 80 -0.05 -7.00 16.75
CA HIS D 80 -0.06 -7.52 18.11
CA HIS D 80 -0.07 -7.55 18.10
C HIS D 80 -1.50 -7.72 18.58
N PHE D 81 -1.72 -8.78 19.35
CA PHE D 81 -3.03 -9.12 19.90
C PHE D 81 -2.97 -9.19 21.43
N LEU D 82 -4.00 -8.66 22.09
CA LEU D 82 -4.19 -8.84 23.52
C LEU D 82 -5.57 -9.43 23.78
N PRO D 83 -5.71 -10.75 23.67
CA PRO D 83 -7.01 -11.36 23.93
C PRO D 83 -7.37 -11.28 25.40
N ASN D 84 -8.67 -11.35 25.66
CA ASN D 84 -9.15 -11.35 27.04
C ASN D 84 -8.90 -12.73 27.61
N GLN D 85 -7.98 -12.82 28.56
CA GLN D 85 -7.55 -14.13 29.01
C GLN D 85 -8.38 -14.63 30.16
N LYS D 86 -9.25 -13.79 30.69
CA LYS D 86 -10.20 -14.24 31.67
C LYS D 86 -11.24 -15.17 31.03
N LEU D 87 -11.75 -14.81 29.84
CA LEU D 87 -12.83 -15.54 29.20
C LEU D 87 -12.46 -16.45 28.03
N LEU D 88 -11.23 -16.45 27.53
CA LEU D 88 -10.99 -17.10 26.25
C LEU D 88 -9.85 -18.11 26.28
N TYR D 89 -9.97 -19.08 25.38
CA TYR D 89 -8.96 -20.07 25.04
C TYR D 89 -8.50 -19.81 23.62
N SER D 90 -7.40 -20.43 23.25
CA SER D 90 -6.86 -20.30 21.89
C SER D 90 -5.93 -21.48 21.66
N ASP D 91 -5.49 -21.65 20.42
CA ASP D 91 -4.55 -22.71 20.12
C ASP D 91 -3.19 -22.11 19.85
N PRO D 92 -2.22 -22.26 20.76
CA PRO D 92 -0.88 -21.73 20.50
C PRO D 92 -0.18 -22.45 19.36
N SER D 93 -0.65 -23.63 18.98
CA SER D 93 -0.03 -24.39 17.90
C SER D 93 -0.56 -23.96 16.55
N GLN D 94 -1.40 -22.93 16.51
CA GLN D 94 -1.95 -22.39 15.26
C GLN D 94 -1.03 -21.29 14.77
N SER D 95 -0.34 -21.55 13.67
CA SER D 95 0.61 -20.61 13.08
C SER D 95 0.02 -19.85 11.90
N ASP D 96 -1.24 -20.07 11.57
CA ASP D 96 -1.85 -19.46 10.39
C ASP D 96 -1.74 -17.95 10.48
N PRO D 97 -1.07 -17.29 9.53
CA PRO D 97 -0.91 -15.84 9.60
C PRO D 97 -2.17 -15.06 9.32
N ASP D 98 -3.10 -15.60 8.54
CA ASP D 98 -4.28 -14.85 8.12
C ASP D 98 -5.52 -15.10 8.97
N THR D 99 -5.46 -16.02 9.93
CA THR D 99 -6.63 -16.45 10.67
C THR D 99 -6.23 -16.83 12.09
N LYS D 100 -7.13 -16.62 13.04
CA LYS D 100 -6.92 -17.14 14.38
C LYS D 100 -8.24 -17.49 15.04
N ASP D 101 -8.25 -18.59 15.76
CA ASP D 101 -9.44 -19.16 16.36
C ASP D 101 -9.44 -18.96 17.88
N PHE D 102 -10.63 -18.73 18.44
CA PHE D 102 -10.82 -18.58 19.87
C PHE D 102 -12.06 -19.30 20.33
N TRP D 103 -12.00 -19.89 21.51
CA TRP D 103 -13.14 -20.53 22.12
C TRP D 103 -13.43 -19.83 23.44
N PHE D 104 -14.71 -19.69 23.76
CA PHE D 104 -15.08 -19.15 25.05
C PHE D 104 -14.94 -20.19 26.14
N ASN D 105 -14.63 -19.72 27.34
CA ASN D 105 -14.78 -20.51 28.54
C ASN D 105 -16.22 -20.29 29.00
N MET D 106 -17.06 -21.31 28.84
CA MET D 106 -18.48 -21.05 29.00
C MET D 106 -18.84 -20.89 30.47
N GLN D 107 -18.10 -21.55 31.36
N GLN D 107 -18.11 -21.56 31.36
CA GLN D 107 -18.36 -21.39 32.78
CA GLN D 107 -18.34 -21.40 32.79
C GLN D 107 -17.99 -19.99 33.26
C GLN D 107 -18.01 -19.98 33.23
N ALA D 108 -16.87 -19.45 32.79
CA ALA D 108 -16.51 -18.07 33.14
C ALA D 108 -17.42 -17.08 32.44
N LEU D 109 -17.71 -17.30 31.15
CA LEU D 109 -18.62 -16.42 30.45
C LEU D 109 -19.94 -16.31 31.19
N THR D 110 -20.46 -17.44 31.66
CA THR D 110 -21.70 -17.45 32.42
C THR D 110 -21.61 -16.56 33.64
N LEU D 111 -20.59 -16.78 34.47
CA LEU D 111 -20.43 -15.98 35.67
C LEU D 111 -20.26 -14.52 35.31
N HIS D 112 -19.52 -14.24 34.24
CA HIS D 112 -19.29 -12.87 33.86
C HIS D 112 -20.60 -12.18 33.48
N LEU D 113 -21.43 -12.86 32.69
CA LEU D 113 -22.71 -12.28 32.33
C LEU D 113 -23.65 -12.21 33.51
N GLN D 114 -23.65 -13.22 34.38
CA GLN D 114 -24.49 -13.16 35.57
C GLN D 114 -24.19 -11.91 36.37
N ARG D 115 -22.90 -11.57 36.48
CA ARG D 115 -22.52 -10.37 37.22
C ARG D 115 -23.01 -9.13 36.53
N GLU D 116 -22.78 -9.04 35.22
CA GLU D 116 -23.23 -7.88 34.47
C GLU D 116 -24.72 -7.64 34.65
N ALA D 117 -25.51 -8.71 34.60
CA ALA D 117 -26.94 -8.55 34.82
C ALA D 117 -27.22 -8.04 36.22
N GLU D 118 -26.61 -8.68 37.22
CA GLU D 118 -26.80 -8.25 38.61
C GLU D 118 -26.52 -6.77 38.78
N LEU D 119 -25.53 -6.25 38.06
CA LEU D 119 -25.18 -4.84 38.20
C LEU D 119 -26.18 -3.92 37.50
N ASN D 120 -26.70 -4.33 36.35
CA ASN D 120 -27.67 -3.54 35.59
C ASN D 120 -28.75 -4.48 35.09
N PRO D 121 -29.69 -4.87 35.98
CA PRO D 121 -30.68 -5.87 35.59
C PRO D 121 -31.66 -5.41 34.53
N GLN D 122 -31.78 -4.10 34.31
CA GLN D 122 -32.75 -3.57 33.37
C GLN D 122 -32.24 -3.51 31.93
N ALA D 123 -30.95 -3.69 31.70
CA ALA D 123 -30.40 -3.62 30.36
C ALA D 123 -30.88 -4.81 29.54
N SER D 124 -31.02 -4.60 28.23
CA SER D 124 -31.45 -5.67 27.34
C SER D 124 -30.30 -6.38 26.64
N TYR D 125 -29.07 -5.92 26.80
CA TYR D 125 -27.92 -6.62 26.26
C TYR D 125 -26.70 -6.29 27.11
N TYR D 126 -25.69 -7.14 27.03
CA TYR D 126 -24.50 -7.01 27.84
C TYR D 126 -23.28 -7.18 26.94
N ASN D 127 -22.37 -6.23 27.02
CA ASN D 127 -21.19 -6.19 26.17
C ASN D 127 -20.00 -6.83 26.88
N VAL D 128 -19.18 -7.52 26.09
CA VAL D 128 -17.99 -8.19 26.58
C VAL D 128 -16.81 -7.79 25.69
N ALA D 129 -15.69 -7.46 26.32
CA ALA D 129 -14.50 -7.00 25.61
C ALA D 129 -13.64 -8.20 25.25
N LEU D 130 -13.54 -8.51 23.97
CA LEU D 130 -12.80 -9.69 23.55
C LEU D 130 -11.32 -9.43 23.31
N LEU D 131 -10.96 -8.33 22.66
CA LEU D 131 -9.61 -8.23 22.12
C LEU D 131 -9.19 -6.79 22.00
N LYS D 132 -7.90 -6.52 22.22
CA LYS D 132 -7.22 -5.31 21.80
C LYS D 132 -6.15 -5.68 20.80
N TYR D 133 -5.89 -4.78 19.86
CA TYR D 133 -4.90 -5.08 18.83
C TYR D 133 -4.39 -3.77 18.25
N GLN D 134 -3.28 -3.88 17.52
CA GLN D 134 -2.49 -2.76 17.04
C GLN D 134 -1.89 -3.10 15.68
N ALA D 135 -1.83 -2.10 14.81
CA ALA D 135 -1.15 -2.23 13.53
C ALA D 135 -0.42 -0.93 13.22
N SER D 136 0.86 -1.04 12.87
CA SER D 136 1.71 0.11 12.62
C SER D 136 2.36 -0.05 11.26
N SER D 137 2.58 1.07 10.58
CA SER D 137 3.18 1.02 9.27
C SER D 137 3.88 2.32 8.95
N GLN D 138 4.92 2.22 8.14
CA GLN D 138 5.54 3.36 7.48
C GLN D 138 5.13 3.47 6.01
N ASP D 139 4.22 2.62 5.55
CA ASP D 139 3.77 2.63 4.17
C ASP D 139 2.55 3.53 4.05
N PRO D 140 2.60 4.61 3.26
CA PRO D 140 1.44 5.51 3.17
C PRO D 140 0.17 4.83 2.72
N SER D 141 0.27 3.71 2.02
CA SER D 141 -0.90 2.97 1.59
C SER D 141 -1.75 2.45 2.73
N ARG D 142 -1.27 2.51 3.96
CA ARG D 142 -2.02 2.02 5.10
C ARG D 142 -2.92 3.10 5.68
N ALA D 143 -2.78 4.33 5.24
CA ALA D 143 -3.56 5.46 5.72
C ALA D 143 -4.69 5.78 4.77
N PRO D 144 -5.93 5.89 5.23
CA PRO D 144 -7.05 6.12 4.31
C PRO D 144 -7.00 7.45 3.61
N LEU D 145 -6.42 8.47 4.24
CA LEU D 145 -6.38 9.81 3.69
C LEU D 145 -4.92 10.26 3.65
N LEU D 146 -4.41 10.51 2.45
CA LEU D 146 -3.03 10.94 2.26
C LEU D 146 -2.92 12.44 2.39
N LEU D 147 -1.96 12.91 3.18
CA LEU D 147 -1.74 14.32 3.42
C LEU D 147 -0.35 14.71 2.94
N SER D 148 -0.26 15.82 2.24
CA SER D 148 1.01 16.43 1.88
C SER D 148 0.94 17.91 2.14
N ALA D 149 1.71 18.40 3.11
CA ALA D 149 1.78 19.82 3.42
C ALA D 149 3.10 20.40 2.95
N GLU D 150 3.06 21.64 2.46
CA GLU D 150 4.24 22.36 2.03
C GLU D 150 4.15 23.76 2.60
N CYS D 151 5.32 24.31 2.92
N CYS D 151 5.31 24.32 2.94
CA CYS D 151 5.43 25.62 3.54
CA CYS D 151 5.36 25.64 3.56
C CYS D 151 6.38 26.50 2.76
C CYS D 151 6.42 26.51 2.88
N GLN D 152 6.13 27.80 2.81
CA GLN D 152 6.98 28.80 2.17
C GLN D 152 7.02 30.04 3.05
N ARG D 153 8.16 30.71 3.11
CA ARG D 153 8.28 31.94 3.88
C ARG D 153 9.01 33.00 3.06
N SER D 154 8.31 34.09 2.74
CA SER D 154 8.91 35.25 2.09
C SER D 154 8.80 36.45 3.03
N GLY D 155 9.92 36.88 3.58
CA GLY D 155 9.89 37.99 4.51
C GLY D 155 9.00 37.70 5.70
N THR D 156 8.03 38.58 5.94
CA THR D 156 7.14 38.44 7.08
C THR D 156 5.94 37.56 6.79
N VAL D 157 5.77 37.13 5.54
CA VAL D 157 4.59 36.40 5.10
C VAL D 157 4.90 34.91 5.10
N THR D 158 4.07 34.14 5.80
CA THR D 158 4.19 32.69 5.83
C THR D 158 2.99 32.09 5.12
N ARG D 159 3.25 31.15 4.22
CA ARG D 159 2.21 30.43 3.50
C ARG D 159 2.27 28.93 3.79
N VAL D 160 1.11 28.30 3.94
CA VAL D 160 1.02 26.87 4.11
C VAL D 160 -0.02 26.32 3.16
N SER D 161 0.26 25.16 2.58
CA SER D 161 -0.70 24.51 1.69
C SER D 161 -0.83 23.03 2.05
N LEU D 162 -2.02 22.47 1.84
CA LEU D 162 -2.27 21.06 2.15
C LEU D 162 -3.00 20.39 1.00
N ASP D 163 -2.40 19.35 0.46
CA ASP D 163 -3.03 18.48 -0.52
C ASP D 163 -3.51 17.22 0.17
N TYR D 164 -4.75 16.83 -0.10
CA TYR D 164 -5.28 15.61 0.48
C TYR D 164 -5.84 14.73 -0.62
N HIS D 165 -5.69 13.42 -0.45
CA HIS D 165 -6.00 12.44 -1.47
C HIS D 165 -6.64 11.23 -0.83
N CYS D 166 -7.85 10.90 -1.25
CA CYS D 166 -8.55 9.71 -0.79
C CYS D 166 -8.63 8.72 -1.94
N CYS D 167 -8.01 7.56 -1.77
CA CYS D 167 -7.72 6.70 -2.89
C CYS D 167 -8.20 5.28 -2.65
N PRO D 168 -8.61 4.55 -3.69
CA PRO D 168 -8.98 3.14 -3.49
C PRO D 168 -7.80 2.27 -3.08
N ALA D 169 -6.58 2.64 -3.45
CA ALA D 169 -5.43 1.88 -2.99
C ALA D 169 -5.21 2.04 -1.49
N THR D 170 -5.65 3.16 -0.93
CA THR D 170 -5.46 3.46 0.48
C THR D 170 -6.72 3.18 1.28
N ALA D 171 -7.84 3.68 0.84
CA ALA D 171 -9.01 3.75 1.68
C ALA D 171 -9.84 2.46 1.64
N PRO D 172 -10.51 2.14 2.74
CA PRO D 172 -11.54 1.12 2.70
C PRO D 172 -12.70 1.61 1.85
N ALA D 173 -13.61 0.71 1.52
CA ALA D 173 -14.72 1.07 0.66
C ALA D 173 -15.83 1.63 1.55
N THR D 174 -15.89 2.95 1.63
CA THR D 174 -16.88 3.69 2.40
C THR D 174 -16.49 5.15 2.34
N GLN D 175 -17.38 6.04 2.76
CA GLN D 175 -17.06 7.45 2.82
C GLN D 175 -16.31 7.79 4.10
N LEU D 176 -15.51 8.85 4.03
CA LEU D 176 -15.01 9.53 5.22
C LEU D 176 -15.93 10.70 5.53
N THR D 177 -16.43 10.76 6.75
CA THR D 177 -17.44 11.74 7.09
C THR D 177 -16.96 12.59 8.26
N SER D 178 -17.74 13.61 8.59
CA SER D 178 -17.37 14.60 9.59
C SER D 178 -15.93 15.06 9.40
N VAL D 179 -15.55 15.34 8.15
CA VAL D 179 -14.17 15.69 7.80
C VAL D 179 -13.89 17.15 8.15
N GLN D 180 -12.86 17.37 8.98
CA GLN D 180 -12.46 18.69 9.41
C GLN D 180 -10.95 18.84 9.35
N VAL D 181 -10.48 20.06 9.12
CA VAL D 181 -9.05 20.36 9.12
C VAL D 181 -8.79 21.58 10.01
N LEU D 182 -7.81 21.48 10.89
CA LEU D 182 -7.52 22.51 11.89
C LEU D 182 -6.11 23.05 11.73
N LEU D 183 -5.99 24.37 11.62
CA LEU D 183 -4.70 25.03 11.64
C LEU D 183 -4.60 25.96 12.85
N PRO D 184 -3.84 25.60 13.86
CA PRO D 184 -3.59 26.50 15.00
C PRO D 184 -2.54 27.56 14.68
N LEU D 185 -2.70 28.73 15.30
CA LEU D 185 -1.77 29.83 15.06
C LEU D 185 -1.44 30.58 16.34
N ASP D 186 -0.17 30.98 16.46
CA ASP D 186 0.31 31.74 17.60
C ASP D 186 -0.23 33.17 17.54
N HIS D 187 0.05 33.95 18.58
CA HIS D 187 -0.49 35.30 18.66
C HIS D 187 0.26 36.29 17.77
N SER D 188 1.34 35.89 17.12
CA SER D 188 2.04 36.80 16.24
C SER D 188 1.43 36.84 14.85
N ALA D 189 0.35 36.08 14.62
CA ALA D 189 -0.27 36.02 13.31
C ALA D 189 -1.31 37.12 13.16
N THR D 190 -1.27 37.80 12.02
CA THR D 190 -2.25 38.81 11.63
C THR D 190 -2.42 38.73 10.12
N ASP D 191 -3.48 39.38 9.63
CA ASP D 191 -3.73 39.45 8.18
C ASP D 191 -3.91 38.05 7.60
N LEU D 192 -4.73 37.24 8.27
CA LEU D 192 -4.92 35.85 7.91
C LEU D 192 -5.88 35.70 6.72
N GLN D 193 -5.42 35.03 5.68
CA GLN D 193 -6.23 34.72 4.50
C GLN D 193 -6.17 33.23 4.19
N CYS D 194 -7.28 32.67 3.70
CA CYS D 194 -7.32 31.25 3.36
C CYS D 194 -8.23 30.97 2.15
N GLN D 195 -7.85 29.94 1.40
CA GLN D 195 -8.72 29.30 0.41
C GLN D 195 -8.78 27.79 0.57
N PRO D 196 -9.98 27.22 0.57
CA PRO D 196 -11.29 27.87 0.59
C PRO D 196 -11.56 28.53 1.93
N PRO D 197 -12.68 29.23 2.08
CA PRO D 197 -12.94 29.89 3.36
C PRO D 197 -13.04 28.88 4.48
N ALA D 198 -12.56 29.30 5.65
CA ALA D 198 -12.61 28.51 6.87
C ALA D 198 -13.04 29.43 8.00
N ALA D 199 -13.46 28.85 9.11
CA ALA D 199 -13.91 29.62 10.26
C ALA D 199 -12.76 29.85 11.21
N TRP D 200 -12.47 31.11 11.51
CA TRP D 200 -11.41 31.46 12.44
CA TRP D 200 -11.41 31.48 12.43
C TRP D 200 -12.01 31.81 13.78
N ASN D 201 -11.76 30.98 14.78
CA ASN D 201 -12.11 31.27 16.15
C ASN D 201 -10.96 32.06 16.78
N ALA D 202 -11.24 33.31 17.13
CA ALA D 202 -10.18 34.16 17.68
C ALA D 202 -9.87 33.77 19.12
N GLU D 203 -10.85 33.22 19.82
CA GLU D 203 -10.63 32.79 21.20
C GLU D 203 -9.51 31.76 21.26
N GLU D 204 -9.68 30.61 20.60
CA GLU D 204 -8.62 29.62 20.61
C GLU D 204 -7.58 29.87 19.53
N ARG D 205 -7.79 30.87 18.69
CA ARG D 205 -6.91 31.20 17.59
C ARG D 205 -6.60 29.97 16.75
N ARG D 206 -7.65 29.43 16.14
CA ARG D 206 -7.52 28.29 15.26
C ARG D 206 -8.44 28.44 14.06
N LEU D 207 -7.92 28.09 12.89
CA LEU D 207 -8.68 28.08 11.65
C LEU D 207 -9.25 26.69 11.41
N LEU D 208 -10.54 26.60 11.14
CA LEU D 208 -11.23 25.33 10.99
C LEU D 208 -11.88 25.22 9.62
N TRP D 209 -11.48 24.23 8.85
CA TRP D 209 -12.15 23.90 7.61
C TRP D 209 -13.07 22.70 7.83
N LYS D 210 -14.31 22.81 7.37
CA LYS D 210 -15.21 21.68 7.27
C LYS D 210 -15.31 21.28 5.81
N LEU D 211 -15.01 20.03 5.53
CA LEU D 211 -14.98 19.54 4.17
C LEU D 211 -16.15 18.61 3.92
N ALA D 212 -16.56 18.53 2.67
CA ALA D 212 -17.57 17.57 2.32
C ALA D 212 -17.01 16.17 2.50
N ASN D 213 -17.92 15.21 2.65
CA ASN D 213 -17.51 13.82 2.78
C ASN D 213 -16.63 13.42 1.61
N LEU D 214 -15.71 12.50 1.88
CA LEU D 214 -14.75 12.03 0.89
C LEU D 214 -15.01 10.57 0.58
N SER D 215 -14.85 10.21 -0.69
CA SER D 215 -15.01 8.83 -1.11
C SER D 215 -13.91 8.48 -2.09
N PRO D 216 -13.36 7.26 -1.99
CA PRO D 216 -12.35 6.84 -2.97
C PRO D 216 -12.91 6.64 -4.37
N THR D 217 -14.24 6.56 -4.52
CA THR D 217 -14.83 6.15 -5.78
C THR D 217 -14.62 7.19 -6.89
N ASN D 218 -14.55 8.47 -6.57
CA ASN D 218 -14.54 9.49 -7.62
C ASN D 218 -13.37 10.45 -7.47
N HIS D 219 -12.79 10.80 -8.63
CA HIS D 219 -11.59 11.63 -8.65
C HIS D 219 -11.85 13.01 -8.07
N SER D 220 -12.89 13.70 -8.54
CA SER D 220 -13.19 15.01 -8.00
C SER D 220 -13.72 14.92 -6.57
N LYS D 221 -14.41 13.81 -6.24
CA LYS D 221 -14.97 13.62 -4.92
C LYS D 221 -13.92 13.31 -3.87
N GLY D 222 -12.78 12.76 -4.27
CA GLY D 222 -11.81 12.26 -3.31
C GLY D 222 -10.60 13.13 -2.99
N SER D 223 -10.31 14.13 -3.81
CA SER D 223 -9.08 14.89 -3.63
C SER D 223 -9.36 16.38 -3.53
N GLY D 224 -8.37 17.11 -3.04
CA GLY D 224 -8.55 18.53 -2.87
C GLY D 224 -7.27 19.19 -2.40
N THR D 225 -7.36 20.48 -2.18
CA THR D 225 -6.23 21.27 -1.74
C THR D 225 -6.76 22.47 -0.98
N LEU D 226 -5.98 22.96 -0.02
CA LEU D 226 -6.35 24.13 0.73
C LEU D 226 -5.11 24.83 1.26
N CYS D 227 -5.24 26.12 1.57
CA CYS D 227 -4.05 26.87 1.96
C CYS D 227 -4.41 28.12 2.74
N ALA D 228 -3.41 28.65 3.43
CA ALA D 228 -3.57 29.87 4.21
C ALA D 228 -2.24 30.61 4.28
N SER D 229 -2.33 31.91 4.53
CA SER D 229 -1.14 32.73 4.67
C SER D 229 -1.39 33.77 5.75
N TRP D 230 -0.32 34.23 6.37
CA TRP D 230 -0.42 35.24 7.42
C TRP D 230 0.93 35.93 7.57
N GLN D 231 0.97 36.89 8.51
CA GLN D 231 2.15 37.69 8.78
C GLN D 231 2.58 37.58 10.24
N CYS D 232 3.89 37.54 10.47
CA CYS D 232 4.46 37.47 11.81
C CYS D 232 5.63 38.42 11.96
N PRO D 239 8.58 27.40 15.24
CA PRO D 239 7.90 26.11 15.06
C PRO D 239 7.11 26.06 13.77
N ALA D 240 7.43 25.10 12.89
CA ALA D 240 6.72 24.99 11.63
C ALA D 240 5.26 24.66 11.87
N PRO D 241 4.35 25.18 11.05
CA PRO D 241 2.93 24.90 11.25
C PRO D 241 2.60 23.46 10.91
N SER D 242 1.64 22.90 11.65
CA SER D 242 1.13 21.57 11.40
C SER D 242 -0.39 21.60 11.32
N LEU D 243 -0.95 20.77 10.45
CA LEU D 243 -2.39 20.64 10.33
C LEU D 243 -2.88 19.33 10.94
N ALA D 244 -4.05 19.40 11.57
CA ALA D 244 -4.71 18.25 12.14
C ALA D 244 -5.97 17.98 11.34
N VAL D 245 -6.20 16.70 11.01
CA VAL D 245 -7.38 16.25 10.28
C VAL D 245 -8.23 15.33 11.16
N GLN D 246 -9.53 15.49 11.05
CA GLN D 246 -10.51 14.66 11.74
C GLN D 246 -11.44 14.06 10.72
N PHE D 247 -11.78 12.79 10.90
CA PHE D 247 -12.81 12.15 10.11
C PHE D 247 -13.30 10.91 10.84
N VAL D 248 -14.36 10.31 10.28
CA VAL D 248 -15.12 9.24 10.91
C VAL D 248 -15.57 8.32 9.79
N GLY D 249 -15.81 7.06 10.12
CA GLY D 249 -16.29 6.14 9.11
C GLY D 249 -17.07 5.00 9.71
N SER D 250 -17.81 4.30 8.85
CA SER D 250 -18.60 3.16 9.26
C SER D 250 -18.68 2.17 8.11
N GLY D 251 -18.83 0.90 8.46
CA GLY D 251 -19.03 -0.13 7.47
C GLY D 251 -17.79 -0.85 7.06
N ALA D 252 -16.63 -0.39 7.48
CA ALA D 252 -15.39 -1.09 7.17
C ALA D 252 -14.41 -0.90 8.33
N SER D 253 -13.39 -1.75 8.37
CA SER D 253 -12.26 -1.58 9.27
C SER D 253 -11.06 -1.11 8.47
N LEU D 254 -10.18 -0.33 9.11
CA LEU D 254 -8.98 0.09 8.41
C LEU D 254 -7.94 -1.02 8.35
N SER D 255 -7.80 -1.78 9.43
CA SER D 255 -6.81 -2.86 9.45
C SER D 255 -7.17 -3.95 8.46
N GLY D 256 -8.44 -4.10 8.14
CA GLY D 256 -8.90 -5.20 7.34
C GLY D 256 -9.43 -6.35 8.16
N LEU D 257 -9.15 -6.36 9.45
CA LEU D 257 -9.62 -7.41 10.33
C LEU D 257 -11.13 -7.53 10.29
N ASP D 258 -11.61 -8.77 10.35
CA ASP D 258 -13.01 -9.10 10.41
C ASP D 258 -13.16 -10.33 11.29
N VAL D 259 -14.38 -10.58 11.76
CA VAL D 259 -14.66 -11.67 12.69
C VAL D 259 -15.86 -12.47 12.19
N GLU D 260 -15.79 -13.81 12.32
CA GLU D 260 -16.90 -14.67 11.96
C GLU D 260 -17.03 -15.84 12.94
N LEU D 261 -18.27 -16.26 13.18
CA LEU D 261 -18.51 -17.34 14.13
C LEU D 261 -18.16 -18.69 13.52
N VAL D 262 -17.84 -19.64 14.38
CA VAL D 262 -17.45 -20.98 13.96
C VAL D 262 -18.42 -21.98 14.57
N GLY D 263 -19.16 -22.68 13.72
CA GLY D 263 -20.19 -23.57 14.21
C GLY D 263 -21.57 -22.96 14.05
N SER D 264 -22.58 -23.82 14.06
CA SER D 264 -23.94 -23.42 13.76
C SER D 264 -24.77 -23.16 15.00
N ARG D 265 -24.22 -23.37 16.18
CA ARG D 265 -25.03 -23.31 17.38
C ARG D 265 -25.40 -21.89 17.77
N TYR D 266 -24.59 -20.92 17.38
CA TYR D 266 -24.87 -19.51 17.58
C TYR D 266 -24.87 -18.83 16.22
N ARG D 267 -25.52 -17.69 16.12
CA ARG D 267 -25.48 -16.93 14.89
C ARG D 267 -25.20 -15.47 15.19
N MET D 268 -24.56 -14.81 14.24
CA MET D 268 -24.14 -13.42 14.41
C MET D 268 -25.23 -12.51 13.86
N SER D 269 -25.88 -11.78 14.76
CA SER D 269 -26.89 -10.81 14.34
C SER D 269 -26.30 -9.73 13.46
N LEU D 270 -25.09 -9.28 13.76
CA LEU D 270 -24.64 -8.02 13.21
C LEU D 270 -23.17 -7.82 13.58
N VAL D 271 -22.46 -7.08 12.74
CA VAL D 271 -21.10 -6.66 13.02
C VAL D 271 -21.00 -5.18 12.70
N LYS D 272 -20.87 -4.37 13.73
CA LYS D 272 -20.79 -2.92 13.58
C LYS D 272 -19.31 -2.57 13.50
N LYS D 273 -18.93 -1.87 12.44
CA LYS D 273 -17.56 -1.46 12.21
C LYS D 273 -17.49 0.05 12.17
N ARG D 274 -16.67 0.65 13.05
CA ARG D 274 -16.51 2.09 13.09
C ARG D 274 -15.04 2.46 13.27
N PHE D 275 -14.65 3.56 12.67
CA PHE D 275 -13.30 4.03 12.86
C PHE D 275 -13.30 5.54 12.96
N ALA D 276 -12.25 6.06 13.57
CA ALA D 276 -12.14 7.49 13.79
C ALA D 276 -10.68 7.87 13.85
N THR D 277 -10.42 9.15 13.60
CA THR D 277 -9.09 9.68 13.77
C THR D 277 -8.80 9.90 15.24
N GLY D 278 -7.57 9.62 15.61
CA GLY D 278 -6.99 10.15 16.83
C GLY D 278 -6.28 11.44 16.45
N LYS D 279 -5.03 11.54 16.82
CA LYS D 279 -4.16 12.58 16.28
C LYS D 279 -3.72 12.22 14.86
N TYR D 280 -4.14 12.99 13.88
CA TYR D 280 -3.90 12.66 12.48
C TYR D 280 -3.36 13.92 11.81
N MET D 281 -2.07 13.94 11.49
CA MET D 281 -1.37 15.21 11.33
C MET D 281 -0.53 15.26 10.07
N ALA D 282 -0.38 16.45 9.52
CA ALA D 282 0.52 16.71 8.40
C ALA D 282 1.47 17.83 8.77
N GLY D 283 2.75 17.54 8.74
CA GLY D 283 3.77 18.55 8.93
C GLY D 283 4.45 18.98 7.62
N CYS D 284 5.16 20.10 7.69
N CYS D 284 5.14 20.10 7.70
CA CYS D 284 5.88 20.56 6.52
CA CYS D 284 5.86 20.65 6.56
C CYS D 284 7.21 21.17 6.93
C CYS D 284 7.25 21.07 7.02
N SER D 285 8.25 20.83 6.18
CA SER D 285 9.59 21.37 6.37
C SER D 285 9.71 22.65 5.57
N LEU D 286 10.14 23.72 6.22
CA LEU D 286 10.33 25.00 5.53
C LEU D 286 11.51 24.96 4.55
#